data_8VQM
#
_entry.id   8VQM
#
_cell.length_a   159.471
_cell.length_b   159.471
_cell.length_c   159.471
_cell.angle_alpha   90.00
_cell.angle_beta   90.00
_cell.angle_gamma   90.00
#
_symmetry.space_group_name_H-M   'I 21 3'
#
loop_
_entity.id
_entity.type
_entity.pdbx_description
1 polymer 'Hemagglutinin HA1 chain'
2 polymer 'Hemagglutinin HA2 chain'
3 branched beta-D-mannopyranose-(1-4)-2-acetamido-2-deoxy-beta-D-glucopyranose-(1-4)-2-acetamido-2-deoxy-beta-D-glucopyranose
4 branched 2-acetamido-2-deoxy-beta-D-glucopyranose-(1-4)-2-acetamido-2-deoxy-beta-D-glucopyranose
5 non-polymer 2-acetamido-2-deoxy-beta-D-glucopyranose
6 non-polymer '(S~1~S,3R)-N-{3,5-dichloro-4-[(2S)-2-phenylmorpholine-4-carbonyl]phenyl}-3-(dimethylamino)pyrrolidine-1-sulfonimidoyl fluoride'
7 water water
#
loop_
_entity_poly.entity_id
_entity_poly.type
_entity_poly.pdbx_seq_one_letter_code
_entity_poly.pdbx_strand_id
1 'polypeptide(L)'
;DTICIGYHANNSTDTVDTVLEKNVTVTHSVNLLEDSHNGKLCRLKGIAPLQLGKCNIAGWLLGNPECDPLLPVRSWSYIV
ETPNSENGICYPGDFIDYEELREQLSSVSSFERFEIFPKESSWPNHNTNGVTAACSHEGKSSFYRNLLWLTEKEGSYPKL
KNSYVNKKGKEVLVLWGIHHPPNSKEQQNLYQNENAYVSVVTSNYNRRFTPEIAERPKVRDQAGRMNYYWTLLKPGDTII
FEANGNLIAPMYAFALSRGFGSGIITSNASMHECNTKCQTPLGAINSSLPYQNIHPVTIGECPKYVRSAKLRMVTGLRNI
PS
;
A
2 'polypeptide(L)'
;GLFGAIAGFIEGGWTGMIDGWYGYHHQNEQGSGYAADQKSTQNAINGITNKVNTVIEKMNIQFTAVGKEFNKLEKRMENL
NKKVDDGFLDIWTYNAELLVLLENERTLDFHDSNVKNLYEKVKSQLKNNAKEIGNGCFEFYHKCDNECMESVRNGTYDYP
KYSEESKLNREKVDGVKLESMGIYQILAIYSTVASSLVLLVSLGAISFWMCSNGSLQCRICI
;
B
#
loop_
_chem_comp.id
_chem_comp.type
_chem_comp.name
_chem_comp.formula
A1ADU non-polymer '(S~1~S,3R)-N-{3,5-dichloro-4-[(2S)-2-phenylmorpholine-4-carbonyl]phenyl}-3-(dimethylamino)pyrrolidine-1-sulfonimidoyl fluoride' 'C23 H27 Cl2 F N4 O3 S'
BMA D-saccharide, beta linking beta-D-mannopyranose 'C6 H12 O6'
NAG D-saccharide, beta linking 2-acetamido-2-deoxy-beta-D-glucopyranose 'C8 H15 N O6'
#
# COMPACT_ATOMS: atom_id res chain seq x y z
N ASP A 1 4.18 53.61 -30.90
CA ASP A 1 3.60 52.27 -30.90
C ASP A 1 4.63 51.25 -30.44
N THR A 2 4.18 50.33 -29.59
CA THR A 2 5.08 49.36 -28.97
C THR A 2 4.45 47.98 -28.98
N ILE A 3 5.32 46.97 -28.92
CA ILE A 3 4.91 45.59 -28.65
C ILE A 3 5.87 44.99 -27.64
N CYS A 4 5.33 44.28 -26.66
CA CYS A 4 6.10 43.71 -25.57
C CYS A 4 5.90 42.20 -25.52
N ILE A 5 6.93 41.50 -25.06
CA ILE A 5 6.88 40.06 -24.85
C ILE A 5 6.89 39.82 -23.34
N GLY A 6 6.05 38.90 -22.88
CA GLY A 6 5.94 38.66 -21.46
C GLY A 6 5.38 37.28 -21.18
N TYR A 7 5.14 37.02 -19.89
CA TYR A 7 4.74 35.69 -19.46
C TYR A 7 3.67 35.78 -18.38
N HIS A 8 3.01 34.66 -18.16
CA HIS A 8 1.84 34.59 -17.29
C HIS A 8 2.22 34.77 -15.82
N ALA A 9 1.36 35.48 -15.09
CA ALA A 9 1.42 35.54 -13.64
C ALA A 9 0.00 35.43 -13.12
N ASN A 10 -0.13 35.00 -11.87
CA ASN A 10 -1.45 34.85 -11.26
C ASN A 10 -1.32 34.96 -9.74
N ASN A 11 -2.41 34.66 -9.04
CA ASN A 11 -2.48 34.76 -7.59
C ASN A 11 -2.06 33.48 -6.88
N SER A 12 -1.45 32.54 -7.59
CA SER A 12 -1.06 31.28 -6.98
C SER A 12 0.02 31.49 -5.92
N THR A 13 -0.13 30.77 -4.81
CA THR A 13 0.87 30.74 -3.75
C THR A 13 1.52 29.38 -3.62
N ASP A 14 1.40 28.52 -4.63
CA ASP A 14 2.08 27.24 -4.62
C ASP A 14 3.59 27.44 -4.62
N THR A 15 4.29 26.64 -3.82
CA THR A 15 5.74 26.66 -3.77
C THR A 15 6.30 25.27 -4.08
N VAL A 16 7.44 25.26 -4.76
CA VAL A 16 8.17 24.03 -5.05
C VAL A 16 9.64 24.27 -4.72
N ASP A 17 10.40 23.18 -4.65
CA ASP A 17 11.83 23.23 -4.42
C ASP A 17 12.57 22.74 -5.65
N THR A 18 13.73 23.35 -5.89
CA THR A 18 14.62 22.95 -6.97
C THR A 18 16.00 22.68 -6.37
N VAL A 19 16.93 22.25 -7.22
CA VAL A 19 18.28 21.95 -6.74
C VAL A 19 18.96 23.23 -6.27
N LEU A 20 18.77 24.32 -7.00
CA LEU A 20 19.45 25.58 -6.70
C LEU A 20 18.68 26.48 -5.75
N GLU A 21 17.39 26.24 -5.55
CA GLU A 21 16.55 27.21 -4.86
C GLU A 21 15.39 26.51 -4.17
N LYS A 22 15.20 26.81 -2.88
CA LYS A 22 14.02 26.38 -2.14
C LYS A 22 12.88 27.39 -2.28
N ASN A 23 11.66 26.92 -2.05
CA ASN A 23 10.50 27.78 -1.80
C ASN A 23 10.25 28.74 -2.98
N VAL A 24 10.26 28.20 -4.19
CA VAL A 24 9.96 28.99 -5.38
C VAL A 24 8.46 29.02 -5.60
N THR A 25 7.89 30.22 -5.63
CA THR A 25 6.46 30.37 -5.88
C THR A 25 6.19 30.28 -7.38
N VAL A 26 5.22 29.43 -7.76
CA VAL A 26 4.98 29.09 -9.15
C VAL A 26 3.52 29.27 -9.50
N THR A 27 3.26 29.46 -10.80
CA THR A 27 1.91 29.73 -11.27
C THR A 27 1.05 28.46 -11.24
N HIS A 28 1.60 27.34 -11.66
CA HIS A 28 0.87 26.08 -11.69
C HIS A 28 1.77 24.97 -11.16
N SER A 29 1.15 23.98 -10.52
CA SER A 29 1.90 22.86 -9.94
C SER A 29 0.96 21.68 -9.78
N VAL A 30 1.56 20.50 -9.66
CA VAL A 30 0.82 19.26 -9.44
C VAL A 30 1.42 18.54 -8.24
N ASN A 31 0.55 18.06 -7.36
CA ASN A 31 0.98 17.27 -6.22
C ASN A 31 1.05 15.79 -6.61
N LEU A 32 2.12 15.13 -6.21
CA LEU A 32 2.32 13.71 -6.51
C LEU A 32 2.23 12.82 -5.29
N LEU A 33 2.04 13.40 -4.10
CA LEU A 33 2.12 12.66 -2.85
C LEU A 33 0.74 12.59 -2.22
N GLU A 34 0.20 11.37 -2.11
CA GLU A 34 -1.11 11.17 -1.49
C GLU A 34 -0.95 11.13 0.02
N ASP A 35 -1.69 11.99 0.72
CA ASP A 35 -1.63 12.03 2.18
C ASP A 35 -3.00 11.94 2.85
N SER A 36 -4.05 11.66 2.09
CA SER A 36 -5.41 11.60 2.62
C SER A 36 -5.95 10.18 2.56
N HIS A 37 -6.60 9.76 3.63
CA HIS A 37 -7.32 8.49 3.67
C HIS A 37 -8.64 8.71 4.41
N ASN A 38 -9.53 7.72 4.33
CA ASN A 38 -10.88 7.87 4.87
C ASN A 38 -11.03 7.31 6.28
N GLY A 39 -9.98 6.74 6.86
CA GLY A 39 -10.05 6.27 8.23
C GLY A 39 -10.97 5.08 8.46
N LYS A 40 -11.29 4.33 7.41
CA LYS A 40 -12.23 3.22 7.52
C LYS A 40 -11.63 1.97 6.91
N LEU A 41 -12.12 0.82 7.35
CA LEU A 41 -11.88 -0.45 6.67
C LEU A 41 -12.96 -0.64 5.62
N CYS A 42 -12.56 -0.95 4.39
CA CYS A 42 -13.49 -1.04 3.27
C CYS A 42 -13.35 -2.38 2.56
N ARG A 43 -14.34 -2.67 1.72
CA ARG A 43 -14.21 -3.77 0.79
C ARG A 43 -13.08 -3.46 -0.19
N LEU A 44 -12.32 -4.49 -0.56
CA LEU A 44 -11.22 -4.36 -1.50
C LEU A 44 -11.62 -5.05 -2.79
N LYS A 45 -11.76 -4.28 -3.86
CA LYS A 45 -12.20 -4.77 -5.17
C LYS A 45 -13.51 -5.54 -5.05
N GLY A 46 -14.39 -5.05 -4.17
CA GLY A 46 -15.71 -5.63 -4.03
C GLY A 46 -15.83 -6.81 -3.10
N ILE A 47 -14.79 -7.12 -2.33
CA ILE A 47 -14.80 -8.26 -1.41
C ILE A 47 -14.53 -7.76 0.00
N ALA A 48 -15.38 -8.14 0.94
CA ALA A 48 -15.20 -7.73 2.32
C ALA A 48 -14.08 -8.53 2.97
N PRO A 49 -13.38 -7.95 3.94
CA PRO A 49 -12.30 -8.67 4.62
C PRO A 49 -12.84 -9.67 5.64
N LEU A 50 -11.91 -10.47 6.17
CA LEU A 50 -12.19 -11.36 7.29
C LEU A 50 -11.72 -10.69 8.56
N GLN A 51 -12.66 -10.28 9.40
CA GLN A 51 -12.36 -9.68 10.70
C GLN A 51 -12.39 -10.77 11.77
N LEU A 52 -11.31 -10.89 12.53
CA LEU A 52 -11.20 -11.92 13.55
C LEU A 52 -11.72 -11.49 14.91
N GLY A 53 -12.11 -10.22 15.06
CA GLY A 53 -12.69 -9.77 16.31
C GLY A 53 -11.69 -9.85 17.46
N LYS A 54 -12.09 -10.53 18.53
CA LYS A 54 -11.27 -10.68 19.71
C LYS A 54 -10.20 -11.77 19.56
N CYS A 55 -10.20 -12.50 18.45
CA CYS A 55 -9.26 -13.59 18.22
C CYS A 55 -8.10 -13.15 17.34
N ASN A 56 -6.94 -13.74 17.58
CA ASN A 56 -5.86 -13.70 16.61
C ASN A 56 -6.00 -14.89 15.68
N ILE A 57 -5.00 -15.14 14.84
CA ILE A 57 -5.08 -16.28 13.92
C ILE A 57 -5.13 -17.59 14.69
N ALA A 58 -4.30 -17.72 15.72
CA ALA A 58 -4.25 -18.97 16.49
C ALA A 58 -5.60 -19.26 17.15
N GLY A 59 -6.22 -18.26 17.77
CA GLY A 59 -7.49 -18.47 18.42
C GLY A 59 -8.59 -18.87 17.45
N TRP A 60 -8.62 -18.22 16.28
CA TRP A 60 -9.62 -18.57 15.28
C TRP A 60 -9.42 -19.98 14.75
N LEU A 61 -8.16 -20.35 14.46
CA LEU A 61 -7.91 -21.64 13.82
C LEU A 61 -8.14 -22.80 14.79
N LEU A 62 -7.76 -22.62 16.07
CA LEU A 62 -8.05 -23.63 17.07
C LEU A 62 -9.50 -23.61 17.52
N GLY A 63 -10.19 -22.47 17.39
CA GLY A 63 -11.55 -22.36 17.84
C GLY A 63 -11.67 -22.02 19.31
N ASN A 64 -10.98 -20.95 19.71
CA ASN A 64 -11.09 -20.48 21.09
C ASN A 64 -12.53 -20.12 21.40
N PRO A 65 -13.13 -20.69 22.46
CA PRO A 65 -14.57 -20.51 22.68
C PRO A 65 -14.98 -19.11 23.09
N GLU A 66 -14.04 -18.24 23.42
CA GLU A 66 -14.37 -16.87 23.79
C GLU A 66 -14.59 -15.96 22.59
N CYS A 67 -14.41 -16.47 21.38
CA CYS A 67 -14.58 -15.69 20.16
C CYS A 67 -15.89 -16.06 19.47
N ASP A 68 -16.55 -15.06 18.91
CA ASP A 68 -17.82 -15.29 18.24
C ASP A 68 -17.65 -16.26 17.08
N PRO A 69 -18.38 -17.38 17.05
CA PRO A 69 -18.16 -18.37 15.99
C PRO A 69 -18.48 -17.79 14.61
N LEU A 70 -17.63 -18.12 13.64
CA LEU A 70 -17.80 -17.66 12.27
C LEU A 70 -18.72 -18.60 11.49
N LEU A 71 -19.25 -18.09 10.38
CA LEU A 71 -20.07 -18.89 9.51
C LEU A 71 -19.24 -20.01 8.90
N PRO A 72 -19.88 -21.11 8.48
CA PRO A 72 -19.11 -22.27 8.00
C PRO A 72 -18.20 -21.97 6.83
N VAL A 73 -18.59 -21.06 5.94
CA VAL A 73 -17.81 -20.72 4.76
C VAL A 73 -17.64 -19.20 4.71
N ARG A 74 -16.41 -18.75 4.53
CA ARG A 74 -16.11 -17.33 4.36
C ARG A 74 -15.13 -17.14 3.21
N SER A 75 -15.28 -16.02 2.51
CA SER A 75 -14.36 -15.61 1.45
C SER A 75 -14.04 -14.14 1.66
N TRP A 76 -12.78 -13.76 1.43
CA TRP A 76 -12.32 -12.43 1.82
C TRP A 76 -11.20 -11.97 0.92
N SER A 77 -10.87 -10.68 1.06
CA SER A 77 -9.75 -10.06 0.36
C SER A 77 -8.56 -9.75 1.25
N TYR A 78 -8.76 -9.63 2.56
CA TYR A 78 -7.65 -9.50 3.51
C TYR A 78 -8.16 -9.87 4.90
N ILE A 79 -7.22 -10.15 5.80
CA ILE A 79 -7.53 -10.56 7.16
C ILE A 79 -7.13 -9.43 8.11
N VAL A 80 -8.02 -9.13 9.06
CA VAL A 80 -7.78 -8.06 10.02
C VAL A 80 -7.72 -8.69 11.42
N GLU A 81 -6.61 -8.44 12.12
CA GLU A 81 -6.49 -8.77 13.53
C GLU A 81 -6.55 -7.49 14.35
N THR A 82 -7.23 -7.55 15.48
CA THR A 82 -7.22 -6.31 16.23
C THR A 82 -5.96 -6.20 17.08
N PRO A 83 -5.51 -4.97 17.38
CA PRO A 83 -4.32 -4.84 18.23
C PRO A 83 -4.48 -5.48 19.60
N ASN A 84 -5.68 -5.47 20.16
CA ASN A 84 -5.94 -6.13 21.44
C ASN A 84 -5.72 -7.64 21.33
N SER A 85 -6.58 -8.31 20.56
CA SER A 85 -6.55 -9.76 20.38
C SER A 85 -6.35 -10.48 21.72
N GLU A 86 -7.34 -10.31 22.60
CA GLU A 86 -7.27 -10.91 23.93
C GLU A 86 -7.27 -12.43 23.89
N ASN A 87 -7.74 -13.03 22.80
CA ASN A 87 -7.98 -14.47 22.74
C ASN A 87 -7.10 -15.10 21.67
N GLY A 88 -6.15 -15.93 22.12
CA GLY A 88 -5.37 -16.76 21.23
C GLY A 88 -5.36 -18.19 21.74
N ILE A 89 -4.17 -18.75 21.94
CA ILE A 89 -4.05 -20.04 22.61
C ILE A 89 -4.43 -19.86 24.07
N CYS A 90 -5.33 -20.71 24.57
CA CYS A 90 -5.79 -20.58 25.94
C CYS A 90 -5.20 -21.62 26.88
N TYR A 91 -4.83 -22.80 26.39
CA TYR A 91 -4.07 -23.75 27.18
C TYR A 91 -2.60 -23.63 26.83
N PRO A 92 -1.72 -23.30 27.78
CA PRO A 92 -0.35 -22.90 27.43
C PRO A 92 0.43 -23.99 26.72
N GLY A 93 1.29 -23.57 25.80
CA GLY A 93 2.12 -24.49 25.07
C GLY A 93 2.74 -23.81 23.87
N ASP A 94 3.30 -24.63 22.98
CA ASP A 94 3.98 -24.17 21.79
C ASP A 94 3.13 -24.45 20.55
N PHE A 95 3.01 -23.44 19.69
CA PHE A 95 2.34 -23.57 18.40
C PHE A 95 3.42 -23.72 17.34
N ILE A 96 3.68 -24.96 16.93
CA ILE A 96 4.82 -25.25 16.07
C ILE A 96 4.59 -24.69 14.68
N ASP A 97 5.59 -23.96 14.18
CA ASP A 97 5.54 -23.34 12.84
C ASP A 97 4.32 -22.42 12.71
N TYR A 98 4.04 -21.67 13.76
CA TYR A 98 2.89 -20.76 13.74
C TYR A 98 3.06 -19.68 12.68
N GLU A 99 4.25 -19.08 12.62
CA GLU A 99 4.49 -18.01 11.66
C GLU A 99 4.42 -18.51 10.22
N GLU A 100 4.86 -19.75 9.98
CA GLU A 100 4.71 -20.35 8.66
C GLU A 100 3.24 -20.50 8.29
N LEU A 101 2.42 -20.92 9.26
CA LEU A 101 0.99 -21.06 9.02
C LEU A 101 0.34 -19.72 8.68
N ARG A 102 0.76 -18.65 9.37
CA ARG A 102 0.24 -17.32 9.06
C ARG A 102 0.61 -16.91 7.64
N GLU A 103 1.84 -17.21 7.21
CA GLU A 103 2.24 -16.92 5.85
C GLU A 103 1.41 -17.72 4.85
N GLN A 104 1.09 -18.97 5.18
CA GLN A 104 0.20 -19.76 4.34
C GLN A 104 -1.16 -19.09 4.21
N LEU A 105 -1.74 -18.67 5.34
CA LEU A 105 -3.05 -18.02 5.34
C LEU A 105 -3.07 -16.74 4.52
N SER A 106 -1.91 -16.12 4.30
CA SER A 106 -1.87 -14.84 3.60
C SER A 106 -2.22 -14.96 2.12
N SER A 107 -2.12 -16.15 1.54
CA SER A 107 -2.51 -16.37 0.16
C SER A 107 -3.80 -17.19 0.06
N VAL A 108 -4.54 -17.28 1.15
CA VAL A 108 -5.81 -18.00 1.18
C VAL A 108 -6.94 -16.99 1.05
N SER A 109 -7.90 -17.30 0.17
CA SER A 109 -9.03 -16.41 -0.08
C SER A 109 -10.36 -16.96 0.42
N SER A 110 -10.38 -18.17 0.96
CA SER A 110 -11.64 -18.81 1.35
C SER A 110 -11.36 -20.02 2.21
N PHE A 111 -12.26 -20.29 3.15
CA PHE A 111 -12.21 -21.50 3.96
C PHE A 111 -13.58 -22.14 4.03
N GLU A 112 -13.58 -23.45 4.25
CA GLU A 112 -14.79 -24.23 4.55
C GLU A 112 -14.49 -25.05 5.80
N ARG A 113 -15.14 -24.70 6.91
CA ARG A 113 -14.95 -25.42 8.16
C ARG A 113 -15.90 -26.62 8.18
N PHE A 114 -15.33 -27.83 8.18
CA PHE A 114 -16.12 -29.05 8.12
C PHE A 114 -15.60 -30.03 9.16
N GLU A 115 -16.48 -30.94 9.57
CA GLU A 115 -16.17 -31.93 10.59
C GLU A 115 -15.35 -33.06 9.98
N ILE A 116 -14.06 -33.11 10.29
CA ILE A 116 -13.21 -34.15 9.74
C ILE A 116 -13.39 -35.46 10.51
N PHE A 117 -13.46 -35.39 11.83
CA PHE A 117 -13.76 -36.56 12.67
C PHE A 117 -14.97 -36.24 13.53
N PRO A 118 -16.17 -36.66 13.15
CA PRO A 118 -17.36 -36.34 13.93
C PRO A 118 -17.25 -36.83 15.35
N LYS A 119 -17.75 -36.01 16.29
CA LYS A 119 -17.54 -36.26 17.71
C LYS A 119 -18.16 -37.59 18.14
N GLU A 120 -19.39 -37.86 17.71
CA GLU A 120 -20.17 -38.95 18.28
C GLU A 120 -19.90 -40.30 17.63
N SER A 121 -19.13 -40.34 16.55
CA SER A 121 -18.88 -41.60 15.85
C SER A 121 -17.41 -41.96 15.73
N SER A 122 -16.49 -41.03 15.99
CA SER A 122 -15.08 -41.28 15.71
C SER A 122 -14.37 -42.02 16.83
N TRP A 123 -14.77 -41.79 18.08
CA TRP A 123 -14.05 -42.31 19.25
C TRP A 123 -15.03 -42.98 20.20
N PRO A 124 -15.58 -44.14 19.82
CA PRO A 124 -16.53 -44.83 20.70
C PRO A 124 -15.92 -45.36 21.99
N ASN A 125 -14.61 -45.58 22.02
CA ASN A 125 -13.96 -46.20 23.17
C ASN A 125 -13.17 -45.21 24.02
N HIS A 126 -13.36 -43.90 23.80
CA HIS A 126 -12.63 -42.88 24.55
C HIS A 126 -13.58 -41.81 25.03
N ASN A 127 -13.19 -41.15 26.12
CA ASN A 127 -13.91 -39.98 26.60
C ASN A 127 -13.54 -38.76 25.77
N THR A 128 -14.55 -38.00 25.34
CA THR A 128 -14.33 -36.85 24.46
C THR A 128 -14.79 -35.54 25.09
N ASN A 129 -15.12 -35.53 26.38
CA ASN A 129 -15.77 -34.39 27.01
C ASN A 129 -14.82 -33.54 27.85
N GLY A 130 -13.51 -33.82 27.81
CA GLY A 130 -12.56 -33.08 28.61
C GLY A 130 -12.53 -31.58 28.36
N VAL A 131 -12.59 -30.78 29.43
CA VAL A 131 -12.55 -29.33 29.36
C VAL A 131 -11.55 -28.82 30.39
N THR A 132 -11.21 -27.55 30.29
CA THR A 132 -10.26 -26.93 31.20
C THR A 132 -10.70 -25.52 31.54
N ALA A 133 -10.28 -25.06 32.74
CA ALA A 133 -10.56 -23.69 33.15
C ALA A 133 -9.74 -22.68 32.36
N ALA A 134 -8.64 -23.10 31.75
CA ALA A 134 -7.81 -22.20 30.95
C ALA A 134 -8.51 -21.77 29.67
N CYS A 135 -9.53 -22.52 29.23
CA CYS A 135 -10.29 -22.16 28.03
C CYS A 135 -11.75 -21.96 28.38
N SER A 136 -12.02 -21.19 29.44
CA SER A 136 -13.37 -21.01 29.94
C SER A 136 -14.22 -20.23 28.94
N HIS A 137 -15.53 -20.37 29.09
CA HIS A 137 -16.50 -19.73 28.22
C HIS A 137 -17.76 -19.44 29.02
N GLU A 138 -18.14 -18.17 29.11
CA GLU A 138 -19.25 -17.72 29.95
C GLU A 138 -19.05 -18.15 31.40
N GLY A 139 -17.81 -18.08 31.86
CA GLY A 139 -17.51 -18.44 33.24
C GLY A 139 -17.55 -19.92 33.54
N LYS A 140 -17.51 -20.76 32.53
CA LYS A 140 -17.51 -22.21 32.71
C LYS A 140 -16.37 -22.82 31.92
N SER A 141 -15.78 -23.87 32.48
CA SER A 141 -14.69 -24.57 31.81
C SER A 141 -15.14 -25.10 30.46
N SER A 142 -14.29 -24.92 29.45
CA SER A 142 -14.64 -25.32 28.09
C SER A 142 -13.36 -25.75 27.38
N PHE A 143 -13.43 -25.85 26.06
CA PHE A 143 -12.30 -26.33 25.26
C PHE A 143 -12.46 -25.79 23.84
N TYR A 144 -11.41 -25.95 23.04
CA TYR A 144 -11.42 -25.48 21.67
C TYR A 144 -12.58 -26.10 20.89
N ARG A 145 -13.22 -25.27 20.07
CA ARG A 145 -14.38 -25.74 19.30
C ARG A 145 -13.98 -26.68 18.18
N ASN A 146 -12.71 -26.69 17.78
CA ASN A 146 -12.25 -27.52 16.67
C ASN A 146 -11.46 -28.75 17.11
N LEU A 147 -11.17 -28.90 18.40
CA LEU A 147 -10.38 -30.00 18.91
C LEU A 147 -11.15 -30.75 19.99
N LEU A 148 -10.73 -31.99 20.23
CA LEU A 148 -11.36 -32.87 21.21
C LEU A 148 -10.29 -33.44 22.14
N TRP A 149 -10.51 -33.31 23.44
CA TRP A 149 -9.58 -33.83 24.44
C TRP A 149 -9.96 -35.27 24.76
N LEU A 150 -9.27 -36.21 24.13
CA LEU A 150 -9.52 -37.62 24.37
C LEU A 150 -8.84 -38.06 25.66
N THR A 151 -9.58 -38.76 26.51
CA THR A 151 -9.05 -39.35 27.73
C THR A 151 -9.61 -40.76 27.87
N GLU A 152 -9.13 -41.47 28.89
CA GLU A 152 -9.50 -42.86 29.09
C GLU A 152 -10.99 -43.00 29.36
N LYS A 153 -11.54 -44.14 28.92
CA LYS A 153 -12.94 -44.48 29.12
C LYS A 153 -13.03 -45.79 29.88
N GLU A 154 -13.76 -45.78 30.99
CA GLU A 154 -13.94 -46.96 31.84
C GLU A 154 -12.60 -47.55 32.29
N GLY A 155 -11.65 -46.66 32.60
CA GLY A 155 -10.35 -47.09 33.07
C GLY A 155 -9.41 -47.60 32.00
N SER A 156 -9.77 -47.48 30.74
CA SER A 156 -8.96 -47.98 29.63
C SER A 156 -8.86 -46.94 28.54
N TYR A 157 -7.67 -46.83 27.94
CA TYR A 157 -7.40 -45.96 26.80
C TYR A 157 -6.90 -46.85 25.68
N PRO A 158 -7.80 -47.42 24.87
CA PRO A 158 -7.34 -48.29 23.77
C PRO A 158 -6.56 -47.52 22.74
N LYS A 159 -5.61 -48.20 22.11
CA LYS A 159 -4.89 -47.62 21.00
C LYS A 159 -5.87 -47.27 19.88
N LEU A 160 -5.98 -45.99 19.57
CA LEU A 160 -6.91 -45.52 18.56
C LEU A 160 -6.21 -45.41 17.21
N LYS A 161 -7.02 -45.32 16.16
CA LYS A 161 -6.50 -45.10 14.83
C LYS A 161 -7.64 -44.62 13.94
N ASN A 162 -7.51 -43.42 13.38
CA ASN A 162 -8.53 -42.87 12.50
C ASN A 162 -7.83 -42.19 11.33
N SER A 163 -8.51 -42.17 10.19
CA SER A 163 -7.96 -41.60 8.97
C SER A 163 -9.02 -40.78 8.26
N TYR A 164 -8.56 -39.89 7.39
CA TYR A 164 -9.45 -39.09 6.56
C TYR A 164 -8.85 -38.97 5.17
N VAL A 165 -9.67 -39.17 4.15
CA VAL A 165 -9.27 -39.00 2.76
C VAL A 165 -9.83 -37.69 2.25
N ASN A 166 -8.96 -36.84 1.72
CA ASN A 166 -9.35 -35.50 1.29
C ASN A 166 -10.02 -35.61 -0.07
N LYS A 167 -11.35 -35.58 -0.08
CA LYS A 167 -12.15 -35.59 -1.30
C LYS A 167 -12.79 -34.21 -1.54
N LYS A 168 -12.15 -33.15 -1.03
CA LYS A 168 -12.65 -31.80 -1.19
C LYS A 168 -12.18 -31.13 -2.47
N GLY A 169 -11.13 -31.66 -3.11
CA GLY A 169 -10.56 -30.96 -4.25
C GLY A 169 -9.76 -29.73 -3.89
N LYS A 170 -9.59 -29.46 -2.61
CA LYS A 170 -8.80 -28.34 -2.11
C LYS A 170 -7.91 -28.83 -0.99
N GLU A 171 -6.87 -28.05 -0.71
CA GLU A 171 -6.04 -28.31 0.46
C GLU A 171 -6.91 -28.30 1.71
N VAL A 172 -6.67 -29.26 2.61
CA VAL A 172 -7.36 -29.33 3.88
C VAL A 172 -6.32 -29.10 4.98
N LEU A 173 -6.53 -28.05 5.77
CA LEU A 173 -5.65 -27.75 6.90
C LEU A 173 -6.16 -28.51 8.12
N VAL A 174 -5.30 -29.33 8.70
CA VAL A 174 -5.64 -30.16 9.85
C VAL A 174 -4.80 -29.72 11.03
N LEU A 175 -5.45 -29.49 12.17
CA LEU A 175 -4.79 -29.06 13.39
C LEU A 175 -5.06 -30.07 14.50
N TRP A 176 -4.05 -30.33 15.32
CA TRP A 176 -4.18 -31.22 16.46
C TRP A 176 -3.23 -30.76 17.55
N GLY A 177 -3.29 -31.43 18.71
CA GLY A 177 -2.48 -31.04 19.84
C GLY A 177 -1.96 -32.25 20.59
N ILE A 178 -0.87 -32.03 21.32
CA ILE A 178 -0.26 -33.03 22.18
C ILE A 178 -0.21 -32.47 23.59
N HIS A 179 -0.78 -33.21 24.55
CA HIS A 179 -0.81 -32.76 25.93
C HIS A 179 0.36 -33.35 26.70
N HIS A 180 0.99 -32.52 27.52
CA HIS A 180 2.11 -32.93 28.37
C HIS A 180 1.76 -32.69 29.82
N PRO A 181 1.29 -33.70 30.54
CA PRO A 181 0.90 -33.52 31.95
C PRO A 181 2.11 -33.18 32.81
N PRO A 182 1.89 -32.52 33.95
CA PRO A 182 3.03 -32.14 34.81
C PRO A 182 3.59 -33.26 35.67
N ASN A 183 2.91 -34.40 35.77
CA ASN A 183 3.41 -35.51 36.58
C ASN A 183 2.85 -36.82 36.01
N SER A 184 3.50 -37.92 36.39
CA SER A 184 3.12 -39.23 35.86
C SER A 184 1.81 -39.73 36.44
N LYS A 185 1.42 -39.28 37.62
CA LYS A 185 0.13 -39.66 38.17
C LYS A 185 -1.01 -39.15 37.31
N GLU A 186 -0.90 -37.91 36.83
CA GLU A 186 -1.91 -37.38 35.91
C GLU A 186 -1.85 -38.08 34.56
N GLN A 187 -0.65 -38.39 34.08
CA GLN A 187 -0.51 -39.10 32.81
C GLN A 187 -1.19 -40.45 32.86
N GLN A 188 -0.98 -41.19 33.95
CA GLN A 188 -1.60 -42.50 34.11
C GLN A 188 -3.11 -42.37 34.30
N ASN A 189 -3.56 -41.32 35.00
CA ASN A 189 -4.99 -41.15 35.21
C ASN A 189 -5.72 -40.79 33.92
N LEU A 190 -5.12 -39.92 33.11
CA LEU A 190 -5.80 -39.44 31.91
C LEU A 190 -5.72 -40.45 30.76
N TYR A 191 -4.58 -41.12 30.61
CA TYR A 191 -4.32 -41.92 29.42
C TYR A 191 -3.93 -43.36 29.70
N GLN A 192 -3.74 -43.75 30.96
CA GLN A 192 -3.61 -45.15 31.39
C GLN A 192 -2.33 -45.80 30.89
N ASN A 193 -1.54 -45.08 30.08
CA ASN A 193 -0.30 -45.61 29.53
C ASN A 193 0.82 -44.62 29.77
N GLU A 194 1.98 -45.12 30.19
CA GLU A 194 3.10 -44.26 30.51
C GLU A 194 4.04 -44.06 29.32
N ASN A 195 4.25 -45.11 28.51
CA ASN A 195 5.03 -44.98 27.28
C ASN A 195 4.13 -44.64 26.11
N ALA A 196 3.30 -43.62 26.28
CA ALA A 196 2.33 -43.24 25.26
C ALA A 196 3.03 -42.55 24.10
N TYR A 197 2.35 -42.56 22.95
CA TYR A 197 2.87 -41.92 21.75
C TYR A 197 1.71 -41.53 20.84
N VAL A 198 1.97 -40.55 19.98
CA VAL A 198 1.03 -40.14 18.94
C VAL A 198 1.75 -40.17 17.61
N SER A 199 1.09 -40.70 16.59
CA SER A 199 1.63 -40.75 15.23
C SER A 199 0.66 -40.10 14.27
N VAL A 200 1.17 -39.20 13.44
CA VAL A 200 0.40 -38.55 12.39
C VAL A 200 1.17 -38.71 11.09
N VAL A 201 0.54 -39.31 10.08
CA VAL A 201 1.19 -39.57 8.81
C VAL A 201 0.26 -39.20 7.66
N THR A 202 0.85 -38.62 6.61
CA THR A 202 0.22 -38.49 5.30
C THR A 202 1.23 -38.92 4.24
N SER A 203 0.97 -38.60 2.97
CA SER A 203 1.93 -38.99 1.93
C SER A 203 3.21 -38.18 2.00
N ASN A 204 3.20 -36.99 2.62
CA ASN A 204 4.40 -36.17 2.71
C ASN A 204 4.63 -35.61 4.11
N TYR A 205 3.91 -36.10 5.12
CA TYR A 205 4.12 -35.70 6.51
C TYR A 205 4.24 -36.98 7.33
N ASN A 206 5.24 -37.02 8.22
CA ASN A 206 5.55 -38.23 8.98
C ASN A 206 6.21 -37.79 10.29
N ARG A 207 5.46 -37.79 11.37
CA ARG A 207 5.97 -37.31 12.65
C ARG A 207 5.41 -38.14 13.80
N ARG A 208 6.24 -38.35 14.82
CA ARG A 208 5.88 -39.06 16.03
C ARG A 208 6.07 -38.14 17.23
N PHE A 209 5.15 -38.21 18.18
CA PHE A 209 5.18 -37.36 19.36
C PHE A 209 5.18 -38.21 20.62
N THR A 210 5.88 -37.75 21.65
CA THR A 210 6.00 -38.49 22.90
C THR A 210 5.87 -37.49 24.05
N PRO A 211 5.07 -37.82 25.08
CA PRO A 211 4.94 -36.90 26.23
C PRO A 211 6.28 -36.76 26.95
N GLU A 212 6.53 -35.54 27.44
CA GLU A 212 7.72 -35.23 28.22
C GLU A 212 7.25 -34.67 29.55
N ILE A 213 7.26 -35.52 30.57
CA ILE A 213 6.60 -35.23 31.84
C ILE A 213 7.55 -34.47 32.75
N ALA A 214 7.12 -33.30 33.19
CA ALA A 214 7.87 -32.49 34.15
C ALA A 214 6.92 -31.43 34.69
N GLU A 215 7.13 -31.05 35.95
CA GLU A 215 6.39 -29.94 36.51
C GLU A 215 7.05 -28.63 36.11
N ARG A 216 6.22 -27.66 35.74
CA ARG A 216 6.65 -26.43 35.09
C ARG A 216 5.98 -25.25 35.77
N PRO A 217 6.51 -24.04 35.59
CA PRO A 217 5.81 -22.86 36.11
C PRO A 217 4.41 -22.78 35.52
N LYS A 218 3.47 -22.38 36.36
CA LYS A 218 2.07 -22.33 35.93
C LYS A 218 1.85 -21.17 34.98
N VAL A 219 1.22 -21.47 33.85
CA VAL A 219 0.83 -20.46 32.87
C VAL A 219 -0.68 -20.57 32.69
N ARG A 220 -1.39 -19.48 32.94
CA ARG A 220 -2.85 -19.50 33.04
C ARG A 220 -3.29 -20.60 34.01
N ASP A 221 -2.54 -20.71 35.11
CA ASP A 221 -2.84 -21.64 36.21
C ASP A 221 -2.73 -23.10 35.78
N GLN A 222 -1.93 -23.39 34.76
CA GLN A 222 -1.71 -24.76 34.29
C GLN A 222 -0.22 -25.06 34.30
N ALA A 223 0.16 -26.11 35.03
CA ALA A 223 1.53 -26.62 34.96
C ALA A 223 1.74 -27.55 33.78
N GLY A 224 0.66 -28.05 33.18
CA GLY A 224 0.79 -28.86 31.98
C GLY A 224 1.00 -28.01 30.75
N ARG A 225 1.27 -28.68 29.63
CA ARG A 225 1.50 -27.99 28.37
C ARG A 225 0.73 -28.69 27.26
N MET A 226 0.44 -27.94 26.21
CA MET A 226 -0.27 -28.44 25.04
C MET A 226 0.44 -27.90 23.81
N ASN A 227 1.08 -28.78 23.05
CA ASN A 227 1.78 -28.39 21.84
C ASN A 227 0.85 -28.58 20.64
N TYR A 228 0.80 -27.57 19.77
CA TYR A 228 -0.13 -27.56 18.65
C TYR A 228 0.62 -27.73 17.34
N TYR A 229 0.09 -28.57 16.46
CA TYR A 229 0.72 -28.92 15.20
C TYR A 229 -0.29 -28.81 14.07
N TRP A 230 0.21 -28.75 12.84
CA TRP A 230 -0.64 -28.61 11.67
C TRP A 230 0.07 -29.15 10.45
N THR A 231 -0.73 -29.50 9.44
CA THR A 231 -0.21 -29.86 8.13
C THR A 231 -1.29 -29.58 7.10
N LEU A 232 -0.86 -29.42 5.85
CA LEU A 232 -1.78 -29.21 4.73
C LEU A 232 -1.93 -30.54 3.99
N LEU A 233 -3.13 -31.10 4.04
CA LEU A 233 -3.42 -32.38 3.42
C LEU A 233 -3.79 -32.14 1.95
N LYS A 234 -2.94 -32.61 1.05
CA LYS A 234 -3.13 -32.36 -0.37
C LYS A 234 -4.41 -33.03 -0.87
N PRO A 235 -5.01 -32.51 -1.94
CA PRO A 235 -6.20 -33.16 -2.50
C PRO A 235 -5.92 -34.61 -2.85
N GLY A 236 -6.83 -35.50 -2.40
CA GLY A 236 -6.73 -36.91 -2.65
C GLY A 236 -5.89 -37.67 -1.63
N ASP A 237 -5.11 -36.99 -0.81
CA ASP A 237 -4.25 -37.65 0.16
C ASP A 237 -5.03 -38.10 1.38
N THR A 238 -4.39 -38.94 2.19
CA THR A 238 -4.97 -39.47 3.41
C THR A 238 -4.08 -39.10 4.60
N ILE A 239 -4.70 -38.74 5.71
CA ILE A 239 -4.00 -38.50 6.97
C ILE A 239 -4.44 -39.57 7.97
N ILE A 240 -3.48 -40.17 8.64
CA ILE A 240 -3.74 -41.23 9.62
C ILE A 240 -3.24 -40.77 10.98
N PHE A 241 -4.12 -40.80 11.97
CA PHE A 241 -3.77 -40.50 13.36
C PHE A 241 -3.69 -41.80 14.14
N GLU A 242 -2.62 -41.96 14.92
CA GLU A 242 -2.43 -43.14 15.75
C GLU A 242 -1.92 -42.70 17.11
N ALA A 243 -2.56 -43.17 18.18
CA ALA A 243 -2.16 -42.78 19.51
C ALA A 243 -2.68 -43.80 20.53
N ASN A 244 -1.93 -43.95 21.63
CA ASN A 244 -2.41 -44.61 22.83
C ASN A 244 -2.42 -43.65 24.01
N GLY A 245 -2.42 -42.35 23.74
CA GLY A 245 -2.57 -41.36 24.77
C GLY A 245 -2.21 -40.00 24.25
N ASN A 246 -2.55 -38.99 25.03
CA ASN A 246 -2.08 -37.60 24.95
C ASN A 246 -2.49 -36.87 23.67
N LEU A 247 -3.28 -37.49 22.78
CA LEU A 247 -3.66 -36.82 21.55
C LEU A 247 -4.83 -35.88 21.79
N ILE A 248 -4.69 -34.64 21.36
CA ILE A 248 -5.80 -33.69 21.30
C ILE A 248 -6.29 -33.73 19.85
N ALA A 249 -7.31 -34.54 19.60
CA ALA A 249 -7.69 -34.97 18.27
C ALA A 249 -8.39 -33.85 17.50
N PRO A 250 -8.21 -33.81 16.18
CA PRO A 250 -8.99 -32.87 15.37
C PRO A 250 -10.46 -33.27 15.33
N MET A 251 -11.32 -32.26 15.34
CA MET A 251 -12.74 -32.44 15.09
C MET A 251 -13.19 -31.74 13.82
N TYR A 252 -12.85 -30.45 13.68
CA TYR A 252 -13.12 -29.69 12.48
C TYR A 252 -11.82 -29.33 11.77
N ALA A 253 -11.84 -29.41 10.44
CA ALA A 253 -10.73 -28.98 9.61
C ALA A 253 -11.22 -27.94 8.62
N PHE A 254 -10.29 -27.37 7.85
CA PHE A 254 -10.59 -26.29 6.93
C PHE A 254 -10.19 -26.69 5.52
N ALA A 255 -11.12 -26.56 4.58
CA ALA A 255 -10.82 -26.66 3.16
C ALA A 255 -10.50 -25.27 2.65
N LEU A 256 -9.28 -25.10 2.13
CA LEU A 256 -8.73 -23.79 1.84
C LEU A 256 -8.64 -23.54 0.34
N SER A 257 -9.03 -22.33 -0.07
CA SER A 257 -8.90 -21.88 -1.45
C SER A 257 -7.78 -20.85 -1.54
N ARG A 258 -7.00 -20.90 -2.61
CA ARG A 258 -5.87 -20.01 -2.80
C ARG A 258 -6.27 -18.82 -3.66
N GLY A 259 -5.81 -17.64 -3.27
CA GLY A 259 -6.10 -16.42 -4.00
C GLY A 259 -4.89 -15.53 -4.18
N PHE A 260 -5.09 -14.32 -4.69
CA PHE A 260 -4.00 -13.39 -4.95
C PHE A 260 -4.27 -12.04 -4.31
N GLY A 261 -3.19 -11.36 -3.93
CA GLY A 261 -3.27 -9.99 -3.43
C GLY A 261 -3.67 -9.82 -1.99
N SER A 262 -3.72 -10.89 -1.21
CA SER A 262 -4.21 -10.83 0.15
C SER A 262 -3.06 -10.72 1.15
N GLY A 263 -3.42 -10.59 2.42
CA GLY A 263 -2.45 -10.49 3.50
C GLY A 263 -3.17 -10.28 4.81
N ILE A 264 -2.39 -10.24 5.88
CA ILE A 264 -2.90 -10.02 7.24
C ILE A 264 -2.40 -8.68 7.73
N ILE A 265 -3.31 -7.87 8.29
CA ILE A 265 -2.98 -6.56 8.82
C ILE A 265 -3.57 -6.44 10.22
N THR A 266 -3.03 -5.48 10.98
CA THR A 266 -3.53 -5.14 12.30
C THR A 266 -4.13 -3.75 12.25
N SER A 267 -5.37 -3.61 12.75
CA SER A 267 -6.08 -2.35 12.64
C SER A 267 -7.12 -2.24 13.73
N ASN A 268 -7.27 -1.03 14.28
CA ASN A 268 -8.39 -0.71 15.15
C ASN A 268 -9.43 0.16 14.45
N ALA A 269 -9.36 0.23 13.11
CA ALA A 269 -10.38 0.89 12.32
C ALA A 269 -11.61 0.00 12.18
N SER A 270 -12.70 0.61 11.72
CA SER A 270 -14.01 -0.06 11.68
C SER A 270 -14.41 -0.38 10.25
N MET A 271 -15.05 -1.53 10.09
CA MET A 271 -15.68 -1.89 8.82
C MET A 271 -16.77 -0.89 8.48
N HIS A 272 -16.82 -0.46 7.21
CA HIS A 272 -17.84 0.46 6.74
C HIS A 272 -18.34 -0.01 5.39
N GLU A 273 -19.49 0.54 4.98
CA GLU A 273 -20.07 0.22 3.67
C GLU A 273 -19.42 1.09 2.59
N CYS A 274 -18.18 0.73 2.27
CA CYS A 274 -17.39 1.44 1.27
C CYS A 274 -16.65 0.42 0.42
N ASN A 275 -16.09 0.90 -0.69
CA ASN A 275 -15.27 0.06 -1.56
C ASN A 275 -14.01 0.82 -1.96
N THR A 276 -12.90 0.11 -2.06
CA THR A 276 -11.62 0.72 -2.36
C THR A 276 -10.78 -0.22 -3.22
N LYS A 277 -9.81 0.37 -3.90
CA LYS A 277 -8.74 -0.39 -4.56
C LYS A 277 -7.50 -0.50 -3.70
N CYS A 278 -7.40 0.28 -2.63
CA CYS A 278 -6.20 0.37 -1.82
C CYS A 278 -6.61 0.50 -0.36
N GLN A 279 -6.12 -0.41 0.48
CA GLN A 279 -6.44 -0.40 1.91
C GLN A 279 -5.15 -0.43 2.72
N THR A 280 -5.07 0.46 3.71
CA THR A 280 -4.00 0.50 4.69
C THR A 280 -4.60 0.30 6.08
N PRO A 281 -3.79 -0.09 7.06
CA PRO A 281 -4.32 -0.27 8.43
C PRO A 281 -4.93 0.98 9.03
N LEU A 282 -4.61 2.17 8.49
CA LEU A 282 -5.23 3.40 8.96
C LEU A 282 -6.49 3.75 8.20
N GLY A 283 -6.63 3.31 6.96
CA GLY A 283 -7.79 3.64 6.17
C GLY A 283 -7.54 3.32 4.71
N ALA A 284 -8.56 3.61 3.90
CA ALA A 284 -8.50 3.35 2.47
C ALA A 284 -8.02 4.58 1.71
N ILE A 285 -7.36 4.33 0.58
CA ILE A 285 -6.83 5.39 -0.27
C ILE A 285 -7.55 5.34 -1.61
N ASN A 286 -8.17 6.45 -1.98
CA ASN A 286 -8.80 6.62 -3.29
C ASN A 286 -7.96 7.64 -4.05
N SER A 287 -7.01 7.16 -4.85
CA SER A 287 -6.05 8.07 -5.46
C SER A 287 -5.41 7.42 -6.67
N SER A 288 -4.95 8.27 -7.59
CA SER A 288 -4.13 7.85 -8.72
C SER A 288 -2.71 8.44 -8.64
N LEU A 289 -2.36 9.05 -7.52
CA LEU A 289 -1.03 9.60 -7.36
C LEU A 289 0.01 8.49 -7.21
N PRO A 290 1.23 8.71 -7.70
CA PRO A 290 2.23 7.64 -7.66
C PRO A 290 2.82 7.38 -6.29
N TYR A 291 2.74 8.33 -5.35
CA TYR A 291 3.33 8.17 -4.03
C TYR A 291 2.31 8.46 -2.94
N GLN A 292 2.53 7.84 -1.78
CA GLN A 292 1.76 8.13 -0.58
C GLN A 292 2.69 8.05 0.62
N ASN A 293 2.37 8.82 1.66
CA ASN A 293 3.13 8.81 2.89
C ASN A 293 2.25 8.44 4.09
N ILE A 294 1.21 7.65 3.85
CA ILE A 294 0.23 7.31 4.87
C ILE A 294 0.68 6.12 5.71
N HIS A 295 1.08 5.02 5.06
CA HIS A 295 1.47 3.81 5.78
C HIS A 295 2.23 2.86 4.87
N PRO A 296 3.29 2.22 5.35
CA PRO A 296 4.03 1.27 4.50
C PRO A 296 3.28 -0.01 4.20
N VAL A 297 2.24 -0.34 4.97
CA VAL A 297 1.48 -1.57 4.79
C VAL A 297 0.27 -1.26 3.92
N THR A 298 0.15 -1.96 2.79
CA THR A 298 -0.90 -1.69 1.82
C THR A 298 -1.45 -2.99 1.27
N ILE A 299 -2.76 -2.97 0.97
CA ILE A 299 -3.45 -4.09 0.32
C ILE A 299 -4.07 -3.57 -0.96
N GLY A 300 -3.85 -4.28 -2.05
CA GLY A 300 -4.46 -3.91 -3.31
C GLY A 300 -3.55 -3.18 -4.27
N GLU A 301 -4.06 -2.17 -4.96
CA GLU A 301 -3.30 -1.39 -5.93
C GLU A 301 -3.12 0.01 -5.34
N CYS A 302 -1.92 0.31 -4.90
CA CYS A 302 -1.64 1.45 -4.03
C CYS A 302 -0.48 2.28 -4.56
N PRO A 303 -0.41 3.55 -4.18
CA PRO A 303 0.81 4.33 -4.44
C PRO A 303 1.98 3.82 -3.62
N LYS A 304 3.18 4.12 -4.10
CA LYS A 304 4.39 3.68 -3.42
C LYS A 304 4.62 4.50 -2.15
N TYR A 305 4.88 3.81 -1.05
CA TYR A 305 5.13 4.50 0.21
C TYR A 305 6.52 5.13 0.22
N VAL A 306 6.58 6.40 0.61
CA VAL A 306 7.83 7.11 0.79
C VAL A 306 7.75 7.90 2.10
N ARG A 307 8.92 8.29 2.61
CA ARG A 307 8.98 9.02 3.87
C ARG A 307 8.77 10.53 3.70
N SER A 308 8.68 11.02 2.47
CA SER A 308 8.66 12.45 2.23
C SER A 308 7.38 13.09 2.77
N ALA A 309 7.47 14.37 3.12
CA ALA A 309 6.31 15.15 3.51
C ALA A 309 5.70 15.94 2.36
N LYS A 310 6.44 16.13 1.27
CA LYS A 310 5.94 16.94 0.16
C LYS A 310 6.65 16.50 -1.12
N LEU A 311 5.88 16.32 -2.19
CA LEU A 311 6.41 15.98 -3.52
C LEU A 311 5.55 16.71 -4.54
N ARG A 312 6.01 17.90 -4.95
CA ARG A 312 5.25 18.77 -5.84
C ARG A 312 6.09 19.09 -7.07
N MET A 313 5.56 18.74 -8.25
CA MET A 313 6.17 19.14 -9.50
C MET A 313 5.58 20.46 -9.96
N VAL A 314 6.45 21.41 -10.30
CA VAL A 314 5.99 22.62 -10.96
C VAL A 314 5.61 22.28 -12.40
N THR A 315 4.46 22.77 -12.84
CA THR A 315 4.09 22.73 -14.25
C THR A 315 4.12 24.10 -14.91
N GLY A 316 3.86 25.16 -14.15
CA GLY A 316 3.87 26.51 -14.67
C GLY A 316 5.21 27.20 -14.52
N LEU A 317 5.14 28.53 -14.40
CA LEU A 317 6.32 29.38 -14.36
C LEU A 317 6.55 29.91 -12.94
N ARG A 318 7.73 30.48 -12.75
CA ARG A 318 7.95 31.29 -11.55
C ARG A 318 6.96 32.44 -11.54
N ASN A 319 6.26 32.61 -10.42
CA ASN A 319 5.14 33.54 -10.34
C ASN A 319 5.64 34.89 -9.85
N ILE A 320 5.69 35.87 -10.76
CA ILE A 320 6.17 37.21 -10.41
C ILE A 320 5.12 38.23 -10.82
N PRO A 321 4.08 38.44 -10.01
CA PRO A 321 3.10 39.48 -10.32
C PRO A 321 3.59 40.85 -9.87
N SER A 322 3.03 41.87 -10.51
CA SER A 322 3.40 43.25 -10.20
C SER A 322 2.74 43.73 -8.91
N GLY B 1 17.21 32.81 -14.05
CA GLY B 1 17.06 31.60 -14.84
C GLY B 1 18.22 31.35 -15.78
N LEU B 2 18.31 30.13 -16.30
CA LEU B 2 19.43 29.75 -17.16
C LEU B 2 19.49 30.60 -18.42
N PHE B 3 18.33 31.02 -18.93
CA PHE B 3 18.27 31.75 -20.19
C PHE B 3 18.02 33.24 -20.02
N GLY B 4 17.87 33.71 -18.78
CA GLY B 4 17.93 35.13 -18.50
C GLY B 4 16.67 35.93 -18.79
N ALA B 5 15.57 35.28 -19.16
CA ALA B 5 14.36 36.03 -19.50
C ALA B 5 13.43 36.19 -18.29
N ILE B 6 12.97 35.08 -17.73
CA ILE B 6 12.08 35.15 -16.57
C ILE B 6 12.88 35.56 -15.36
N ALA B 7 12.41 36.59 -14.66
CA ALA B 7 13.12 37.23 -13.55
C ALA B 7 14.45 37.81 -13.99
N GLY B 8 14.64 37.98 -15.30
CA GLY B 8 15.86 38.54 -15.84
C GLY B 8 15.63 39.88 -16.50
N PHE B 9 15.90 39.99 -17.81
CA PHE B 9 15.63 41.25 -18.49
C PHE B 9 14.14 41.50 -18.68
N ILE B 10 13.30 40.51 -18.43
CA ILE B 10 11.85 40.70 -18.30
C ILE B 10 11.53 40.44 -16.83
N GLU B 11 11.39 41.52 -16.06
CA GLU B 11 11.46 41.42 -14.60
C GLU B 11 10.25 40.70 -14.01
N GLY B 12 9.05 40.95 -14.55
CA GLY B 12 7.84 40.46 -13.93
C GLY B 12 6.89 39.83 -14.93
N GLY B 13 5.91 39.11 -14.39
CA GLY B 13 4.88 38.49 -15.19
C GLY B 13 3.63 39.35 -15.30
N TRP B 14 2.70 38.89 -16.13
CA TRP B 14 1.47 39.61 -16.44
C TRP B 14 0.28 38.85 -15.85
N THR B 15 -0.36 39.44 -14.83
CA THR B 15 -1.63 38.90 -14.37
C THR B 15 -2.75 39.11 -15.39
N GLY B 16 -2.61 40.12 -16.26
CA GLY B 16 -3.62 40.40 -17.27
C GLY B 16 -3.63 39.45 -18.45
N MET B 17 -2.64 38.58 -18.57
CA MET B 17 -2.62 37.58 -19.65
C MET B 17 -3.03 36.25 -19.04
N ILE B 18 -4.34 35.99 -19.05
CA ILE B 18 -4.90 34.82 -18.37
C ILE B 18 -4.99 33.60 -19.26
N ASP B 19 -4.78 33.73 -20.56
CA ASP B 19 -5.09 32.69 -21.53
C ASP B 19 -3.86 31.92 -22.02
N GLY B 20 -2.70 32.15 -21.43
CA GLY B 20 -1.52 31.43 -21.88
C GLY B 20 -0.33 31.74 -21.00
N TRP B 21 0.73 30.96 -21.20
CA TRP B 21 1.95 31.11 -20.42
C TRP B 21 2.85 32.21 -20.98
N TYR B 22 2.89 32.35 -22.30
CA TYR B 22 3.71 33.34 -22.97
C TYR B 22 2.85 34.08 -23.98
N GLY B 23 3.22 35.33 -24.28
CA GLY B 23 2.44 36.10 -25.21
C GLY B 23 2.94 37.53 -25.33
N TYR B 24 2.05 38.39 -25.81
CA TYR B 24 2.39 39.74 -26.21
C TYR B 24 1.44 40.76 -25.57
N HIS B 25 1.98 41.95 -25.32
CA HIS B 25 1.18 43.14 -25.04
C HIS B 25 1.55 44.20 -26.06
N HIS B 26 0.54 44.83 -26.65
CA HIS B 26 0.75 45.81 -27.71
C HIS B 26 0.04 47.10 -27.34
N GLN B 27 0.52 48.20 -27.93
CA GLN B 27 -0.13 49.50 -27.76
C GLN B 27 0.05 50.30 -29.03
N ASN B 28 -1.06 50.66 -29.66
CA ASN B 28 -1.05 51.55 -30.82
C ASN B 28 -2.24 52.50 -30.71
N GLU B 29 -2.53 53.19 -31.81
CA GLU B 29 -3.57 54.20 -31.79
C GLU B 29 -4.97 53.60 -31.70
N GLN B 30 -5.13 52.32 -32.04
CA GLN B 30 -6.42 51.64 -31.89
C GLN B 30 -6.60 51.00 -30.53
N GLY B 31 -5.60 51.07 -29.65
CA GLY B 31 -5.76 50.60 -28.30
C GLY B 31 -4.62 49.72 -27.87
N SER B 32 -4.87 48.92 -26.83
CA SER B 32 -3.88 48.05 -26.24
C SER B 32 -4.57 46.78 -25.77
N GLY B 33 -3.76 45.76 -25.48
CA GLY B 33 -4.30 44.52 -24.95
C GLY B 33 -3.26 43.43 -24.93
N TYR B 34 -3.63 42.33 -24.29
CA TYR B 34 -2.81 41.14 -24.18
C TYR B 34 -3.23 40.11 -25.22
N ALA B 35 -2.30 39.24 -25.59
CA ALA B 35 -2.57 38.17 -26.53
C ALA B 35 -1.58 37.04 -26.27
N ALA B 36 -2.08 35.93 -25.74
CA ALA B 36 -1.22 34.78 -25.50
C ALA B 36 -0.76 34.19 -26.83
N ASP B 37 0.49 33.73 -26.87
CA ASP B 37 1.00 33.00 -28.02
C ASP B 37 0.53 31.55 -27.90
N GLN B 38 -0.46 31.19 -28.72
CA GLN B 38 -1.11 29.90 -28.56
C GLN B 38 -0.18 28.75 -28.93
N LYS B 39 0.67 28.93 -29.94
CA LYS B 39 1.51 27.83 -30.40
C LYS B 39 2.52 27.42 -29.33
N SER B 40 3.27 28.38 -28.78
CA SER B 40 4.30 28.04 -27.81
C SER B 40 3.69 27.54 -26.51
N THR B 41 2.58 28.16 -26.08
CA THR B 41 1.91 27.72 -24.86
C THR B 41 1.40 26.29 -25.01
N GLN B 42 0.73 25.99 -26.12
CA GLN B 42 0.19 24.64 -26.32
C GLN B 42 1.33 23.61 -26.44
N ASN B 43 2.41 23.97 -27.13
CA ASN B 43 3.56 23.07 -27.21
C ASN B 43 4.17 22.84 -25.83
N ALA B 44 4.25 23.90 -25.02
CA ALA B 44 4.75 23.76 -23.65
C ALA B 44 3.81 22.90 -22.81
N ILE B 45 2.50 23.09 -22.97
CA ILE B 45 1.54 22.28 -22.22
C ILE B 45 1.68 20.80 -22.58
N ASN B 46 1.86 20.51 -23.87
CA ASN B 46 2.02 19.12 -24.31
C ASN B 46 3.27 18.49 -23.71
N GLY B 47 4.39 19.22 -23.74
CA GLY B 47 5.63 18.66 -23.23
C GLY B 47 5.60 18.42 -21.74
N ILE B 48 5.01 19.35 -20.99
CA ILE B 48 4.97 19.23 -19.53
C ILE B 48 4.00 18.14 -19.11
N THR B 49 2.84 18.07 -19.77
CA THR B 49 1.94 16.93 -19.54
C THR B 49 2.65 15.63 -19.81
N ASN B 50 3.52 15.65 -20.82
CA ASN B 50 4.32 14.47 -21.12
C ASN B 50 5.28 14.17 -19.98
N LYS B 51 5.91 15.20 -19.42
CA LYS B 51 6.85 15.02 -18.31
C LYS B 51 6.15 14.44 -17.08
N VAL B 52 4.99 14.99 -16.73
CA VAL B 52 4.27 14.55 -15.54
C VAL B 52 3.81 13.10 -15.69
N ASN B 53 3.25 12.77 -16.86
CA ASN B 53 2.81 11.40 -17.09
C ASN B 53 3.98 10.42 -17.07
N THR B 54 5.15 10.85 -17.54
CA THR B 54 6.33 9.99 -17.48
C THR B 54 6.72 9.68 -16.04
N VAL B 55 6.67 10.68 -15.17
CA VAL B 55 6.97 10.46 -13.76
C VAL B 55 5.98 9.47 -13.16
N ILE B 56 4.69 9.65 -13.46
CA ILE B 56 3.68 8.73 -12.95
C ILE B 56 3.86 7.34 -13.53
N GLU B 57 4.11 7.24 -14.84
CA GLU B 57 4.21 5.94 -15.48
C GLU B 57 5.42 5.15 -14.99
N LYS B 58 6.56 5.83 -14.74
CA LYS B 58 7.76 5.14 -14.31
C LYS B 58 7.60 4.47 -12.95
N MET B 59 6.67 4.95 -12.12
CA MET B 59 6.40 4.34 -10.83
C MET B 59 5.29 3.30 -11.01
N ASN B 60 5.66 2.03 -10.89
CA ASN B 60 4.66 0.96 -10.99
C ASN B 60 3.68 1.05 -9.84
N ILE B 61 2.53 0.39 -10.01
CA ILE B 61 1.59 0.25 -8.91
C ILE B 61 2.21 -0.62 -7.83
N GLN B 62 2.02 -0.23 -6.57
CA GLN B 62 2.45 -1.04 -5.44
C GLN B 62 1.33 -2.03 -5.10
N PHE B 63 1.54 -3.29 -5.44
CA PHE B 63 0.59 -4.34 -5.10
C PHE B 63 0.75 -4.69 -3.61
N THR B 64 0.04 -5.71 -3.15
CA THR B 64 -0.07 -5.98 -1.72
C THR B 64 1.31 -6.19 -1.11
N ALA B 65 1.59 -5.47 -0.03
CA ALA B 65 2.88 -5.54 0.68
C ALA B 65 2.60 -5.40 2.17
N VAL B 66 2.63 -6.52 2.89
CA VAL B 66 2.40 -6.51 4.33
C VAL B 66 3.65 -7.03 5.05
N GLY B 67 3.59 -7.08 6.38
CA GLY B 67 4.70 -7.57 7.17
C GLY B 67 4.68 -9.08 7.36
N LYS B 68 5.72 -9.56 8.02
CA LYS B 68 5.87 -10.97 8.35
C LYS B 68 6.19 -11.10 9.83
N GLU B 69 5.86 -12.25 10.40
CA GLU B 69 6.07 -12.49 11.82
C GLU B 69 7.18 -13.52 12.03
N PHE B 70 7.91 -13.36 13.12
CA PHE B 70 9.07 -14.20 13.44
C PHE B 70 9.05 -14.54 14.92
N ASN B 71 9.40 -15.78 15.25
CA ASN B 71 9.43 -16.20 16.64
C ASN B 71 10.73 -15.75 17.32
N LYS B 72 10.85 -16.04 18.62
CA LYS B 72 11.96 -15.54 19.40
C LYS B 72 13.31 -16.10 18.99
N LEU B 73 13.35 -17.16 18.18
CA LEU B 73 14.61 -17.74 17.72
C LEU B 73 14.88 -17.47 16.25
N GLU B 74 14.24 -16.45 15.68
CA GLU B 74 14.44 -16.05 14.29
C GLU B 74 14.80 -14.58 14.19
N LYS B 75 15.60 -14.11 15.16
CA LYS B 75 15.94 -12.68 15.22
C LYS B 75 16.76 -12.25 14.00
N ARG B 76 17.70 -13.09 13.57
CA ARG B 76 18.53 -12.74 12.42
C ARG B 76 17.68 -12.52 11.17
N MET B 77 16.75 -13.45 10.92
CA MET B 77 15.88 -13.34 9.77
C MET B 77 14.96 -12.13 9.87
N GLU B 78 14.47 -11.85 11.09
CA GLU B 78 13.63 -10.68 11.29
C GLU B 78 14.40 -9.39 11.00
N ASN B 79 15.66 -9.32 11.43
CA ASN B 79 16.48 -8.16 11.14
C ASN B 79 16.82 -8.06 9.66
N LEU B 80 17.04 -9.20 9.00
CA LEU B 80 17.26 -9.19 7.56
C LEU B 80 16.03 -8.69 6.81
N ASN B 81 14.84 -9.14 7.23
CA ASN B 81 13.61 -8.67 6.61
C ASN B 81 13.43 -7.17 6.83
N LYS B 82 13.79 -6.68 8.02
CA LYS B 82 13.70 -5.25 8.30
C LYS B 82 14.75 -4.47 7.52
N LYS B 83 15.96 -5.02 7.38
CA LYS B 83 16.98 -4.35 6.59
C LYS B 83 16.55 -4.21 5.14
N VAL B 84 15.89 -5.23 4.60
CA VAL B 84 15.41 -5.18 3.22
C VAL B 84 14.32 -4.12 3.08
N ASP B 85 13.34 -4.13 3.99
CA ASP B 85 12.26 -3.16 3.92
C ASP B 85 12.78 -1.73 4.11
N ASP B 86 13.68 -1.54 5.07
CA ASP B 86 14.26 -0.21 5.29
C ASP B 86 15.07 0.25 4.09
N GLY B 87 15.86 -0.65 3.50
CA GLY B 87 16.72 -0.26 2.40
C GLY B 87 15.96 0.15 1.16
N PHE B 88 14.92 -0.62 0.80
CA PHE B 88 14.09 -0.27 -0.35
C PHE B 88 13.40 1.07 -0.13
N LEU B 89 12.89 1.29 1.09
CA LEU B 89 12.26 2.56 1.41
C LEU B 89 13.26 3.71 1.33
N ASP B 90 14.49 3.49 1.75
CA ASP B 90 15.54 4.50 1.64
C ASP B 90 15.72 4.91 0.17
N ILE B 91 15.83 3.93 -0.73
CA ILE B 91 16.13 4.23 -2.12
C ILE B 91 14.97 4.93 -2.80
N TRP B 92 13.73 4.49 -2.53
CA TRP B 92 12.58 5.05 -3.22
C TRP B 92 12.30 6.48 -2.76
N THR B 93 12.43 6.76 -1.47
CA THR B 93 12.32 8.14 -1.00
C THR B 93 13.42 9.00 -1.61
N TYR B 94 14.63 8.43 -1.73
CA TYR B 94 15.72 9.12 -2.41
C TYR B 94 15.41 9.37 -3.88
N ASN B 95 14.90 8.35 -4.58
CA ASN B 95 14.59 8.49 -5.99
C ASN B 95 13.48 9.52 -6.22
N ALA B 96 12.42 9.44 -5.42
CA ALA B 96 11.28 10.32 -5.63
C ALA B 96 11.64 11.78 -5.37
N GLU B 97 12.37 12.06 -4.29
CA GLU B 97 12.69 13.43 -3.94
C GLU B 97 13.67 14.03 -4.95
N LEU B 98 14.69 13.29 -5.35
CA LEU B 98 15.66 13.81 -6.31
C LEU B 98 15.02 14.06 -7.67
N LEU B 99 14.20 13.11 -8.14
CA LEU B 99 13.59 13.25 -9.46
C LEU B 99 12.72 14.50 -9.52
N VAL B 100 11.95 14.77 -8.47
CA VAL B 100 11.13 15.98 -8.44
C VAL B 100 12.00 17.23 -8.44
N LEU B 101 13.09 17.23 -7.65
CA LEU B 101 13.97 18.38 -7.61
C LEU B 101 14.63 18.61 -8.96
N LEU B 102 15.14 17.54 -9.59
CA LEU B 102 15.81 17.67 -10.88
C LEU B 102 14.83 18.12 -11.96
N GLU B 103 13.64 17.52 -12.00
CA GLU B 103 12.67 17.90 -13.02
C GLU B 103 12.11 19.30 -12.77
N ASN B 104 12.01 19.71 -11.50
CA ASN B 104 11.55 21.07 -11.22
C ASN B 104 12.51 22.10 -11.78
N GLU B 105 13.82 21.87 -11.62
CA GLU B 105 14.81 22.80 -12.18
C GLU B 105 14.70 22.86 -13.69
N ARG B 106 14.54 21.70 -14.34
CA ARG B 106 14.46 21.67 -15.80
C ARG B 106 13.19 22.37 -16.31
N THR B 107 12.08 22.21 -15.59
CA THR B 107 10.82 22.82 -16.02
C THR B 107 10.93 24.34 -16.01
N LEU B 108 11.51 24.92 -14.96
CA LEU B 108 11.66 26.37 -14.91
C LEU B 108 12.58 26.87 -16.01
N ASP B 109 13.66 26.13 -16.28
CA ASP B 109 14.53 26.47 -17.40
C ASP B 109 13.80 26.33 -18.73
N PHE B 110 12.89 25.35 -18.84
CA PHE B 110 12.14 25.15 -20.07
C PHE B 110 11.28 26.38 -20.38
N HIS B 111 10.55 26.88 -19.39
CA HIS B 111 9.75 28.09 -19.59
C HIS B 111 10.63 29.29 -19.90
N ASP B 112 11.75 29.41 -19.19
CA ASP B 112 12.69 30.50 -19.44
C ASP B 112 13.17 30.50 -20.88
N SER B 113 13.49 29.31 -21.41
CA SER B 113 13.93 29.21 -22.80
C SER B 113 12.84 29.62 -23.77
N ASN B 114 11.59 29.21 -23.49
CA ASN B 114 10.49 29.53 -24.40
C ASN B 114 10.25 31.04 -24.48
N VAL B 115 10.29 31.73 -23.33
CA VAL B 115 10.16 33.18 -23.34
C VAL B 115 11.30 33.81 -24.11
N LYS B 116 12.52 33.33 -23.88
CA LYS B 116 13.69 33.88 -24.56
C LYS B 116 13.59 33.70 -26.07
N ASN B 117 13.23 32.50 -26.52
CA ASN B 117 13.10 32.25 -27.95
C ASN B 117 11.96 33.05 -28.56
N LEU B 118 10.88 33.27 -27.81
CA LEU B 118 9.79 34.11 -28.29
C LEU B 118 10.26 35.53 -28.53
N TYR B 119 11.04 36.07 -27.57
CA TYR B 119 11.59 37.40 -27.73
C TYR B 119 12.53 37.48 -28.93
N GLU B 120 13.34 36.44 -29.14
CA GLU B 120 14.28 36.43 -30.25
C GLU B 120 13.55 36.39 -31.59
N LYS B 121 12.43 35.66 -31.66
CA LYS B 121 11.66 35.60 -32.90
C LYS B 121 11.19 36.99 -33.31
N VAL B 122 10.65 37.75 -32.36
CA VAL B 122 10.19 39.11 -32.65
C VAL B 122 11.36 40.00 -33.02
N LYS B 123 12.46 39.91 -32.26
CA LYS B 123 13.62 40.76 -32.50
C LYS B 123 14.21 40.52 -33.88
N SER B 124 14.29 39.25 -34.30
CA SER B 124 14.83 38.95 -35.63
C SER B 124 13.90 39.43 -36.73
N GLN B 125 12.60 39.53 -36.47
CA GLN B 125 11.67 40.01 -37.49
C GLN B 125 11.77 41.52 -37.68
N LEU B 126 11.85 42.27 -36.58
CA LEU B 126 11.74 43.72 -36.66
C LEU B 126 13.02 44.38 -37.13
N LYS B 127 14.18 43.82 -36.80
CA LYS B 127 15.49 44.35 -37.20
C LYS B 127 15.57 45.80 -36.73
N ASN B 128 15.91 46.77 -37.59
CA ASN B 128 16.04 48.16 -37.19
C ASN B 128 14.76 48.97 -37.43
N ASN B 129 13.66 48.31 -37.80
CA ASN B 129 12.38 49.00 -37.90
C ASN B 129 11.78 49.34 -36.54
N ALA B 130 12.38 48.83 -35.46
CA ALA B 130 11.98 49.17 -34.10
C ALA B 130 13.23 49.12 -33.23
N LYS B 131 13.09 49.62 -32.01
CA LYS B 131 14.21 49.68 -31.08
C LYS B 131 13.88 48.93 -29.79
N GLU B 132 14.87 48.20 -29.27
CA GLU B 132 14.74 47.61 -27.95
C GLU B 132 14.73 48.73 -26.91
N ILE B 133 13.73 48.72 -26.05
CA ILE B 133 13.63 49.70 -24.99
C ILE B 133 13.68 49.05 -23.61
N GLY B 134 14.18 47.82 -23.54
CA GLY B 134 14.32 47.12 -22.29
C GLY B 134 13.02 46.49 -21.81
N ASN B 135 13.14 45.64 -20.80
CA ASN B 135 12.02 44.92 -20.20
C ASN B 135 11.23 44.13 -21.25
N GLY B 136 11.91 43.68 -22.30
CA GLY B 136 11.27 42.87 -23.32
C GLY B 136 10.29 43.62 -24.20
N CYS B 137 10.47 44.93 -24.37
CA CYS B 137 9.57 45.77 -25.15
C CYS B 137 10.30 46.39 -26.33
N PHE B 138 9.57 46.55 -27.42
CA PHE B 138 10.06 47.21 -28.63
C PHE B 138 9.18 48.40 -28.95
N GLU B 139 9.80 49.51 -29.34
CA GLU B 139 9.08 50.69 -29.81
C GLU B 139 9.30 50.83 -31.31
N PHE B 140 8.20 50.85 -32.07
CA PHE B 140 8.28 50.89 -33.52
C PHE B 140 8.68 52.27 -34.02
N TYR B 141 9.49 52.29 -35.07
CA TYR B 141 9.81 53.52 -35.80
C TYR B 141 8.80 53.83 -36.89
N HIS B 142 7.61 53.24 -36.81
CA HIS B 142 6.56 53.48 -37.79
C HIS B 142 5.23 53.16 -37.14
N LYS B 143 4.16 53.63 -37.78
CA LYS B 143 2.82 53.33 -37.30
C LYS B 143 2.54 51.84 -37.47
N CYS B 144 2.24 51.16 -36.37
CA CYS B 144 2.06 49.72 -36.37
C CYS B 144 0.62 49.44 -35.95
N ASP B 145 -0.24 49.17 -36.92
CA ASP B 145 -1.65 48.99 -36.64
C ASP B 145 -1.93 47.54 -36.25
N ASN B 146 -3.22 47.22 -36.07
CA ASN B 146 -3.60 45.91 -35.53
C ASN B 146 -3.19 44.78 -36.48
N GLU B 147 -3.39 44.98 -37.78
CA GLU B 147 -2.95 43.98 -38.75
C GLU B 147 -1.43 43.82 -38.71
N CYS B 148 -0.70 44.93 -38.56
CA CYS B 148 0.75 44.85 -38.44
C CYS B 148 1.17 44.21 -37.12
N MET B 149 0.41 44.47 -36.06
CA MET B 149 0.64 43.79 -34.79
C MET B 149 0.50 42.28 -34.95
N GLU B 150 -0.56 41.85 -35.65
CA GLU B 150 -0.81 40.42 -35.84
C GLU B 150 0.26 39.77 -36.70
N SER B 151 0.82 40.52 -37.67
CA SER B 151 1.89 39.97 -38.49
C SER B 151 3.14 39.65 -37.66
N VAL B 152 3.37 40.44 -36.59
CA VAL B 152 4.47 40.12 -35.66
C VAL B 152 4.13 38.89 -34.83
N ARG B 153 2.89 38.78 -34.36
CA ARG B 153 2.51 37.68 -33.48
C ARG B 153 2.61 36.34 -34.20
N ASN B 154 2.16 36.28 -35.45
CA ASN B 154 2.45 35.11 -36.27
C ASN B 154 3.75 35.38 -37.04
N GLY B 155 4.09 34.55 -38.00
CA GLY B 155 5.43 34.66 -38.55
C GLY B 155 5.65 35.67 -39.66
N THR B 156 4.70 36.56 -39.92
CA THR B 156 4.65 37.24 -41.21
C THR B 156 4.85 38.76 -41.13
N TYR B 157 5.83 39.24 -40.36
CA TYR B 157 6.09 40.68 -40.36
C TYR B 157 6.78 41.09 -41.66
N ASP B 158 6.22 42.10 -42.32
CA ASP B 158 6.71 42.58 -43.61
C ASP B 158 7.72 43.70 -43.35
N TYR B 159 8.98 43.33 -43.20
CA TYR B 159 10.03 44.34 -42.96
C TYR B 159 10.17 45.34 -44.10
N PRO B 160 10.25 44.93 -45.37
CA PRO B 160 10.42 45.94 -46.44
C PRO B 160 9.29 46.96 -46.50
N LYS B 161 8.08 46.57 -46.09
CA LYS B 161 6.92 47.45 -46.21
C LYS B 161 7.11 48.73 -45.39
N TYR B 162 7.89 48.68 -44.31
CA TYR B 162 8.04 49.83 -43.42
C TYR B 162 9.46 50.36 -43.32
N SER B 163 10.40 49.83 -44.11
CA SER B 163 11.80 50.24 -43.97
C SER B 163 11.97 51.71 -44.31
N GLU B 164 11.32 52.19 -45.37
CA GLU B 164 11.43 53.59 -45.74
C GLU B 164 10.90 54.51 -44.65
N GLU B 165 9.70 54.22 -44.14
CA GLU B 165 9.14 55.02 -43.06
C GLU B 165 9.99 54.90 -41.80
N SER B 166 10.44 53.69 -41.48
CA SER B 166 11.25 53.49 -40.27
C SER B 166 12.60 54.20 -40.39
N LYS B 167 13.20 54.19 -41.59
CA LYS B 167 14.48 54.85 -41.78
C LYS B 167 14.38 56.35 -41.52
N LEU B 168 13.27 56.97 -41.96
CA LEU B 168 13.07 58.40 -41.73
C LEU B 168 12.97 58.71 -40.24
N ASN B 169 12.19 57.91 -39.51
CA ASN B 169 11.99 58.18 -38.09
C ASN B 169 13.19 57.82 -37.24
N ARG B 170 14.07 56.95 -37.73
CA ARG B 170 15.25 56.56 -36.96
C ARG B 170 16.16 57.75 -36.71
N GLU B 171 16.16 58.74 -37.61
CA GLU B 171 16.92 59.96 -37.42
C GLU B 171 16.05 61.04 -36.78
C1 NAG C . 8.18 30.97 0.98
C2 NAG C . 8.46 31.36 2.42
C3 NAG C . 7.22 31.99 3.05
C4 NAG C . 6.75 33.17 2.20
C5 NAG C . 6.55 32.72 0.75
C6 NAG C . 6.21 33.85 -0.20
C7 NAG C . 10.16 30.01 3.59
C8 NAG C . 11.14 31.08 3.19
N2 NAG C . 8.89 30.21 3.21
O3 NAG C . 7.50 32.42 4.38
O4 NAG C . 5.53 33.67 2.76
O5 NAG C . 7.75 32.12 0.25
O6 NAG C . 7.38 34.56 -0.62
O7 NAG C . 10.50 29.03 4.25
C1 NAG C . 5.53 35.14 2.86
C2 NAG C . 4.14 35.55 3.27
C3 NAG C . 4.05 37.09 3.32
C4 NAG C . 5.23 37.72 4.06
C5 NAG C . 6.57 37.04 3.76
C6 NAG C . 7.65 37.41 4.74
C7 NAG C . 2.38 33.96 2.63
C8 NAG C . 2.60 33.31 3.97
N2 NAG C . 3.14 35.03 2.36
O3 NAG C . 2.83 37.46 3.94
O4 NAG C . 5.33 39.05 3.56
O5 NAG C . 6.46 35.61 3.80
O6 NAG C . 7.59 36.60 5.91
O7 NAG C . 1.56 33.53 1.83
C1 BMA C . 5.47 40.20 4.46
C2 BMA C . 4.05 40.85 4.70
C3 BMA C . 4.17 42.06 5.65
C4 BMA C . 5.13 41.82 6.86
C5 BMA C . 6.43 41.12 6.41
C6 BMA C . 7.38 40.83 7.55
O2 BMA C . 3.14 39.94 5.28
O3 BMA C . 2.89 42.45 6.12
O4 BMA C . 5.44 43.06 7.48
O5 BMA C . 6.07 39.90 5.73
O6 BMA C . 8.40 39.97 7.07
C1 NAG D . -0.71 36.38 -39.96
C2 NAG D . -1.75 35.59 -40.76
C3 NAG D . -2.07 36.32 -42.06
C4 NAG D . -2.45 37.77 -41.80
C5 NAG D . -1.44 38.45 -40.87
C6 NAG D . -1.87 39.83 -40.42
C7 NAG D . -1.65 33.16 -40.35
C8 NAG D . -2.66 33.39 -39.27
N2 NAG D . -1.26 34.24 -41.03
O3 NAG D . -3.14 35.65 -42.71
O4 NAG D . -2.44 38.48 -43.03
O5 NAG D . -1.25 37.66 -39.67
O6 NAG D . -3.25 39.85 -40.03
O7 NAG D . -1.22 32.04 -40.61
C1 NAG D . -3.77 38.91 -43.40
C2 NAG D . -3.65 39.78 -44.66
C3 NAG D . -5.03 40.25 -45.09
C4 NAG D . -5.97 39.07 -45.28
C5 NAG D . -5.98 38.19 -44.03
C6 NAG D . -6.77 36.91 -44.21
C7 NAG D . -1.77 41.24 -45.27
C8 NAG D . -0.95 42.43 -44.89
N2 NAG D . -2.76 40.90 -44.44
O3 NAG D . -4.92 40.98 -46.31
O4 NAG D . -7.28 39.52 -45.55
O5 NAG D . -4.65 37.81 -43.66
O6 NAG D . -5.90 35.78 -44.35
O7 NAG D . -1.55 40.60 -46.30
C1 NAG E . -5.81 3.02 17.36
C2 NAG E . -6.63 4.16 17.96
C3 NAG E . -5.80 5.43 18.03
C4 NAG E . -4.50 5.17 18.77
C5 NAG E . -3.75 4.00 18.15
C6 NAG E . -2.52 3.62 18.92
C7 NAG E . -9.04 3.84 17.55
C8 NAG E . -10.20 4.19 16.67
N2 NAG E . -7.86 4.39 17.21
O3 NAG E . -6.53 6.46 18.68
O4 NAG E . -3.67 6.33 18.75
O5 NAG E . -4.59 2.84 18.10
O6 NAG E . -2.28 2.22 18.86
O7 NAG E . -9.16 3.10 18.53
C1 A1ADU F . -0.78 23.22 -16.09
C10 A1ADU F . -2.19 12.94 -14.57
C11 A1ADU F . -2.25 13.94 -15.68
C12 A1ADU F . -0.43 19.44 -16.45
C13 A1ADU F . -0.35 20.79 -16.70
C14 A1ADU F . -1.95 25.28 -16.75
C15 A1ADU F . -2.94 23.12 -17.31
C16 A1ADU F . -3.10 23.63 -18.73
C17 A1ADU F . -2.13 25.72 -18.19
C18 A1ADU F . -2.37 27.21 -18.28
C19 A1ADU F . -1.44 28.04 -18.89
C2 A1ADU F . -0.87 21.74 -15.82
C20 A1ADU F . -1.67 29.41 -18.96
C21 A1ADU F . -2.81 29.95 -18.41
C22 A1ADU F . -3.73 29.13 -17.81
C23 A1ADU F . -3.52 27.77 -17.74
C3 A1ADU F . -1.47 21.27 -14.65
C4 A1ADU F . -1.56 19.91 -14.38
C5 A1ADU F . -1.05 18.99 -15.28
C6 A1ADU F . -1.75 15.14 -13.68
C7 A1ADU F . -2.51 13.84 -13.34
C8 A1ADU F . -2.79 11.90 -11.86
C9 A1ADU F . -2.97 14.12 -10.93
F1 A1ADU F . -2.38 16.68 -16.95
N1 A1ADU F . -1.16 17.63 -14.96
N2 A1ADU F . -1.45 15.03 -15.11
N3 A1ADU F . -2.39 13.29 -11.98
N4 A1ADU F . -1.83 23.82 -16.67
O1 A1ADU F . 0.24 23.82 -15.75
O2 A1ADU F . 0.03 16.29 -16.74
O3 A1ADU F . -3.27 25.06 -18.75
S1 A1ADU F . -1.19 16.39 -15.98
CL1 A1ADU F . -2.15 22.36 -13.49
CL2 A1ADU F . 0.42 21.30 -18.17
#